data_1GJJ
#
_entry.id   1GJJ
#
_cell.length_a   ?
_cell.length_b   ?
_cell.length_c   ?
_cell.angle_alpha   ?
_cell.angle_beta   ?
_cell.angle_gamma   ?
#
_entity_poly.entity_id   1
_entity_poly.type   'polypeptide(L)'
_entity_poly.pdbx_seq_one_letter_code
;MPEFLEDPSVLTKDKLKSELVANNVTLPAGEQRKDVYVQLYLQHLTARNRPPLPAGTNSKGPPDFSSDEEREPTPVLGSG
AAAAGRSRAAVGRKATKKTDKPRQEDKDDLDVTELTNEDLLDQLVKYGVNPGPIVGTTRKLYEKKLLKLREQGTESRSST
PLPTISSS
;
_entity_poly.pdbx_strand_id   A
#
# COMPACT_ATOMS: atom_id res chain seq x y z
N MET A 1 -12.52 7.18 -3.76
CA MET A 1 -11.48 6.21 -4.18
C MET A 1 -10.85 6.67 -5.50
N PRO A 2 -9.97 7.64 -5.44
CA PRO A 2 -9.29 8.18 -6.64
C PRO A 2 -8.68 7.08 -7.52
N GLU A 3 -8.64 7.28 -8.81
CA GLU A 3 -8.06 6.23 -9.68
C GLU A 3 -6.62 5.95 -9.24
N PHE A 4 -6.31 4.72 -8.96
CA PHE A 4 -4.93 4.36 -8.51
C PHE A 4 -4.15 3.73 -9.66
N LEU A 5 -2.86 3.69 -9.52
CA LEU A 5 -2.02 3.10 -10.61
C LEU A 5 -2.29 1.60 -10.71
N GLU A 6 -2.35 1.09 -11.92
CA GLU A 6 -2.60 -0.36 -12.11
C GLU A 6 -1.31 -1.15 -11.82
N ASP A 7 -0.23 -0.46 -11.58
CA ASP A 7 1.06 -1.15 -11.28
C ASP A 7 1.80 -0.32 -10.21
N PRO A 8 1.38 -0.42 -8.97
CA PRO A 8 2.02 0.37 -7.87
C PRO A 8 3.38 -0.19 -7.44
N SER A 9 3.74 -1.35 -7.92
CA SER A 9 5.04 -1.94 -7.54
C SER A 9 6.16 -0.96 -7.94
N VAL A 10 5.88 -0.11 -8.89
CA VAL A 10 6.90 0.87 -9.33
C VAL A 10 7.03 1.98 -8.26
N LEU A 11 6.25 1.90 -7.22
CA LEU A 11 6.30 2.92 -6.14
C LEU A 11 7.28 2.47 -5.05
N THR A 12 7.85 3.39 -4.32
CA THR A 12 8.80 3.02 -3.24
C THR A 12 8.02 2.63 -1.99
N LYS A 13 8.68 2.01 -1.04
CA LYS A 13 7.98 1.61 0.21
C LYS A 13 7.48 2.84 0.97
N ASP A 14 8.30 3.84 1.13
CA ASP A 14 7.85 5.06 1.85
C ASP A 14 6.67 5.68 1.12
N LYS A 15 6.71 5.72 -0.19
CA LYS A 15 5.58 6.31 -0.96
C LYS A 15 4.31 5.48 -0.70
N LEU A 16 4.42 4.18 -0.77
CA LEU A 16 3.22 3.33 -0.53
C LEU A 16 2.71 3.54 0.88
N LYS A 17 3.60 3.72 1.83
CA LYS A 17 3.15 3.89 3.23
C LYS A 17 2.26 5.15 3.32
N SER A 18 2.68 6.22 2.71
CA SER A 18 1.87 7.46 2.74
C SER A 18 0.56 7.24 1.99
N GLU A 19 0.58 6.46 0.94
CA GLU A 19 -0.68 6.20 0.19
C GLU A 19 -1.68 5.54 1.12
N LEU A 20 -1.23 4.58 1.87
CA LEU A 20 -2.13 3.87 2.83
C LEU A 20 -2.59 4.85 3.91
N VAL A 21 -1.72 5.71 4.36
CA VAL A 21 -2.14 6.69 5.40
C VAL A 21 -3.07 7.72 4.75
N ALA A 22 -2.76 8.11 3.55
CA ALA A 22 -3.64 9.09 2.84
C ALA A 22 -5.01 8.44 2.62
N ASN A 23 -5.06 7.14 2.55
CA ASN A 23 -6.35 6.42 2.35
C ASN A 23 -6.89 5.92 3.69
N ASN A 24 -6.43 6.50 4.77
CA ASN A 24 -6.89 6.08 6.12
C ASN A 24 -6.90 4.55 6.24
N VAL A 25 -6.06 3.88 5.52
CA VAL A 25 -6.00 2.40 5.62
C VAL A 25 -5.30 2.03 6.92
N THR A 26 -5.85 1.13 7.69
CA THR A 26 -5.20 0.75 8.98
C THR A 26 -4.21 -0.39 8.76
N LEU A 27 -2.98 -0.20 9.16
CA LEU A 27 -1.94 -1.26 8.95
C LEU A 27 -1.80 -2.10 10.24
N PRO A 28 -2.22 -3.35 10.25
CA PRO A 28 -2.12 -4.23 11.46
C PRO A 28 -0.69 -4.20 12.06
N ALA A 29 -0.60 -4.22 13.36
CA ALA A 29 0.74 -4.22 14.01
C ALA A 29 1.39 -5.59 13.85
N GLY A 30 2.69 -5.67 13.95
CA GLY A 30 3.37 -6.98 13.79
C GLY A 30 3.55 -7.30 12.30
N GLU A 31 3.70 -6.29 11.49
CA GLU A 31 3.87 -6.52 10.03
C GLU A 31 4.80 -5.44 9.46
N GLN A 32 5.99 -5.82 9.05
CA GLN A 32 6.94 -4.82 8.47
C GLN A 32 7.65 -5.45 7.27
N ARG A 33 6.92 -5.75 6.22
CA ARG A 33 7.52 -6.35 4.99
C ARG A 33 7.04 -5.55 3.78
N LYS A 34 7.91 -5.26 2.84
CA LYS A 34 7.49 -4.50 1.64
C LYS A 34 6.36 -5.23 0.92
N ASP A 35 6.54 -6.50 0.64
CA ASP A 35 5.48 -7.26 -0.08
C ASP A 35 4.14 -7.14 0.66
N VAL A 36 4.17 -7.21 1.95
CA VAL A 36 2.90 -7.07 2.71
C VAL A 36 2.27 -5.71 2.40
N TYR A 37 3.06 -4.68 2.33
CA TYR A 37 2.49 -3.35 2.01
C TYR A 37 2.09 -3.31 0.53
N VAL A 38 2.80 -4.00 -0.32
CA VAL A 38 2.42 -3.97 -1.75
C VAL A 38 1.10 -4.71 -1.94
N GLN A 39 0.96 -5.87 -1.34
CA GLN A 39 -0.29 -6.64 -1.52
C GLN A 39 -1.45 -5.95 -0.80
N LEU A 40 -1.19 -5.28 0.30
CA LEU A 40 -2.29 -4.58 0.99
C LEU A 40 -2.84 -3.52 0.03
N TYR A 41 -1.96 -2.89 -0.69
CA TYR A 41 -2.40 -1.87 -1.69
C TYR A 41 -3.26 -2.57 -2.75
N LEU A 42 -2.83 -3.70 -3.22
CA LEU A 42 -3.61 -4.47 -4.23
C LEU A 42 -4.84 -5.10 -3.55
N GLN A 43 -4.69 -5.56 -2.34
CA GLN A 43 -5.83 -6.19 -1.62
C GLN A 43 -6.94 -5.18 -1.33
N HIS A 44 -6.59 -3.99 -0.93
CA HIS A 44 -7.64 -2.99 -0.58
C HIS A 44 -8.11 -2.22 -1.81
N LEU A 45 -7.21 -1.75 -2.62
CA LEU A 45 -7.63 -0.94 -3.81
C LEU A 45 -7.85 -1.81 -5.06
N THR A 46 -6.80 -2.33 -5.64
CA THR A 46 -6.98 -3.12 -6.89
C THR A 46 -8.08 -4.17 -6.71
N ALA A 47 -8.03 -4.93 -5.66
CA ALA A 47 -9.08 -5.96 -5.45
C ALA A 47 -10.48 -5.34 -5.59
N ARG A 48 -10.61 -4.04 -5.42
CA ARG A 48 -11.97 -3.40 -5.54
C ARG A 48 -11.92 -2.26 -6.58
N ASN A 49 -10.76 -1.87 -7.00
CA ASN A 49 -10.66 -0.75 -7.98
C ASN A 49 -11.15 -1.22 -9.35
N ARG A 50 -11.96 -2.24 -9.40
CA ARG A 50 -12.44 -2.76 -10.72
C ARG A 50 -13.91 -3.18 -10.58
N ASP A 111 1.91 1.88 -12.05
CA ASP A 111 2.39 0.65 -11.35
C ASP A 111 2.62 0.93 -9.86
N VAL A 112 2.08 0.09 -9.04
CA VAL A 112 2.24 0.22 -7.56
C VAL A 112 3.65 -0.25 -7.18
N THR A 113 4.26 -1.02 -8.04
CA THR A 113 5.63 -1.53 -7.72
C THR A 113 6.67 -0.45 -8.06
N GLU A 114 6.32 0.51 -8.87
CA GLU A 114 7.31 1.56 -9.25
C GLU A 114 7.28 2.70 -8.21
N LEU A 115 6.42 2.62 -7.23
CA LEU A 115 6.37 3.70 -6.21
C LEU A 115 7.57 3.55 -5.27
N THR A 116 8.10 4.65 -4.81
CA THR A 116 9.28 4.61 -3.91
C THR A 116 8.80 4.31 -2.48
N ASN A 117 9.64 3.69 -1.69
CA ASN A 117 9.25 3.35 -0.28
C ASN A 117 8.55 4.56 0.35
N GLU A 118 9.00 5.74 0.07
CA GLU A 118 8.36 6.95 0.64
C GLU A 118 6.96 7.15 0.05
N ASP A 119 6.85 7.14 -1.24
CA ASP A 119 5.51 7.32 -1.88
C ASP A 119 4.57 6.18 -1.51
N LEU A 120 5.06 4.96 -1.47
CA LEU A 120 4.16 3.83 -1.13
C LEU A 120 3.50 4.07 0.23
N LEU A 121 4.21 4.65 1.16
CA LEU A 121 3.59 4.91 2.49
C LEU A 121 2.58 6.05 2.34
N ASP A 122 2.88 7.01 1.52
CA ASP A 122 1.92 8.13 1.32
C ASP A 122 0.57 7.57 0.89
N GLN A 123 0.56 6.59 0.01
CA GLN A 123 -0.73 6.01 -0.45
C GLN A 123 -1.38 5.20 0.68
N LEU A 124 -0.61 4.43 1.40
CA LEU A 124 -1.21 3.63 2.51
C LEU A 124 -1.87 4.57 3.53
N VAL A 125 -1.22 5.65 3.86
CA VAL A 125 -1.82 6.59 4.84
C VAL A 125 -3.13 7.16 4.28
N LYS A 126 -3.17 7.41 3.00
CA LYS A 126 -4.42 7.97 2.39
C LYS A 126 -5.60 7.03 2.65
N TYR A 127 -5.39 5.75 2.69
CA TYR A 127 -6.53 4.81 2.94
C TYR A 127 -6.85 4.79 4.44
N GLY A 128 -6.19 5.61 5.22
CA GLY A 128 -6.48 5.64 6.68
C GLY A 128 -5.75 4.50 7.39
N VAL A 129 -4.75 3.94 6.75
CA VAL A 129 -4.00 2.83 7.38
C VAL A 129 -2.66 3.36 7.90
N ASN A 130 -2.33 3.07 9.13
CA ASN A 130 -1.03 3.56 9.70
C ASN A 130 -0.37 2.43 10.50
N PRO A 131 0.28 1.53 9.81
CA PRO A 131 0.96 0.38 10.45
C PRO A 131 2.39 0.73 10.88
N GLY A 132 3.30 -0.21 10.86
CA GLY A 132 4.70 0.09 11.26
C GLY A 132 5.51 0.45 10.00
N PRO A 133 6.57 1.19 10.16
CA PRO A 133 7.43 1.61 9.02
C PRO A 133 7.99 0.41 8.25
N ILE A 134 7.56 0.23 7.02
CA ILE A 134 8.04 -0.92 6.21
C ILE A 134 9.50 -1.25 6.52
N VAL A 135 9.76 -2.41 7.09
CA VAL A 135 11.16 -2.77 7.43
C VAL A 135 11.90 -3.18 6.17
N GLY A 136 11.68 -4.39 5.71
CA GLY A 136 12.38 -4.85 4.48
C GLY A 136 11.85 -6.23 4.09
N THR A 137 11.05 -6.84 4.95
CA THR A 137 10.50 -8.19 4.63
C THR A 137 8.97 -8.16 4.74
N THR A 138 8.44 -7.13 5.30
CA THR A 138 6.95 -7.03 5.44
C THR A 138 6.43 -6.14 4.33
N ARG A 139 7.31 -5.47 3.65
CA ARG A 139 6.90 -4.57 2.54
C ARG A 139 6.05 -5.33 1.52
N LYS A 140 6.40 -6.55 1.23
CA LYS A 140 5.60 -7.32 0.23
C LYS A 140 4.18 -7.53 0.76
N LEU A 141 4.02 -7.74 2.04
CA LEU A 141 2.66 -7.95 2.60
C LEU A 141 1.82 -6.69 2.36
N TYR A 142 2.38 -5.54 2.65
CA TYR A 142 1.62 -4.28 2.45
C TYR A 142 1.34 -4.05 0.97
N GLU A 143 2.26 -4.41 0.12
CA GLU A 143 2.01 -4.23 -1.34
C GLU A 143 0.83 -5.10 -1.76
N LYS A 144 0.76 -6.31 -1.26
CA LYS A 144 -0.38 -7.19 -1.63
C LYS A 144 -1.65 -6.63 -1.00
N LYS A 145 -1.59 -6.27 0.26
CA LYS A 145 -2.80 -5.74 0.93
C LYS A 145 -3.29 -4.50 0.19
N LEU A 146 -2.39 -3.66 -0.25
CA LEU A 146 -2.81 -2.43 -0.98
C LEU A 146 -3.69 -2.83 -2.17
N LEU A 147 -3.34 -3.90 -2.84
CA LEU A 147 -4.15 -4.33 -4.00
C LEU A 147 -5.58 -4.58 -3.52
N LYS A 148 -5.71 -5.12 -2.34
CA LYS A 148 -7.07 -5.40 -1.79
C LYS A 148 -7.83 -4.08 -1.64
N LEU A 149 -7.20 -3.09 -1.08
CA LEU A 149 -7.87 -1.77 -0.91
C LEU A 149 -8.18 -1.18 -2.29
N ARG A 150 -7.25 -1.31 -3.20
CA ARG A 150 -7.48 -0.77 -4.56
C ARG A 150 -8.70 -1.47 -5.16
N GLU A 151 -8.87 -2.73 -4.86
CA GLU A 151 -10.03 -3.49 -5.40
C GLU A 151 -11.32 -2.80 -4.98
N GLN A 152 -11.36 -2.28 -3.78
CA GLN A 152 -12.58 -1.59 -3.29
C GLN A 152 -12.97 -0.49 -4.28
N GLY A 153 -11.98 0.10 -4.90
CA GLY A 153 -12.25 1.19 -5.88
C GLY A 153 -13.08 0.66 -7.06
#